data_5ZQM
#
_entry.id   5ZQM
#
_cell.length_a   68.907
_cell.length_b   68.907
_cell.length_c   138.698
_cell.angle_alpha   90.00
_cell.angle_beta   90.00
_cell.angle_gamma   120.00
#
_symmetry.space_group_name_H-M   'P 65'
#
loop_
_entity.id
_entity.type
_entity.pdbx_description
1 polymer 'Katanin p60 ATPase-containing subunit A1'
2 non-polymer 'PHOSPHOTHIOPHOSPHORIC ACID-ADENYLATE ESTER'
3 water water
#
_entity_poly.entity_id   1
_entity_poly.type   'polypeptide(L)'
_entity_poly.pdbx_seq_one_letter_code
;AADSTGYDKDLVEALERDIISQNPNVRWDDIADLVEAKKLLKEAVVLPMWMPEFFKGIRRPWKGVLMVGPPGTGKTLLAK
AVATECKTTFFNVSSSTLTSKYRGESEKLVRLLFEMARFYSPATIFIDEIDSICSRRGTSEEHEASRRVKAELLVQMDGV
GGTSENDDPSKMVMVLAATNFPWDIDEALRRRLEKRIYIPLPSAKGREELLRISLRELELADDVDLASIAENMEGYSGAD
ITNVCRDASLMAMRRRIEGLTPEEIRNLSKEEMHMPTTMEDFEMALKKVSKSVSAADIERYEKWIFEFG
;
_entity_poly.pdbx_strand_id   A
#
# COMPACT_ATOMS: atom_id res chain seq x y z
N ALA A 1 24.72 0.63 6.86
CA ALA A 1 23.83 -0.50 7.32
C ALA A 1 24.57 -1.61 8.14
N ALA A 2 25.09 -1.25 9.31
CA ALA A 2 25.94 -2.13 10.12
C ALA A 2 25.35 -2.33 11.50
N ASP A 3 25.11 -3.57 11.93
CA ASP A 3 24.43 -3.83 13.24
C ASP A 3 24.95 -4.99 14.09
N SER A 4 24.90 -4.81 15.41
CA SER A 4 25.24 -5.88 16.38
C SER A 4 24.00 -6.75 16.53
N THR A 5 24.20 -8.04 16.75
CA THR A 5 23.09 -8.99 16.97
C THR A 5 23.35 -10.03 18.08
N GLY A 6 22.27 -10.55 18.66
CA GLY A 6 22.22 -11.87 19.30
C GLY A 6 21.12 -12.74 18.66
N TYR A 7 21.09 -12.77 17.33
CA TYR A 7 20.04 -13.45 16.55
C TYR A 7 20.67 -14.34 15.51
N ASP A 8 19.83 -15.15 14.86
CA ASP A 8 20.27 -15.97 13.74
C ASP A 8 20.42 -15.05 12.53
N LYS A 9 21.63 -15.00 11.96
CA LYS A 9 21.88 -14.18 10.74
C LYS A 9 21.00 -14.58 9.55
N ASP A 10 20.42 -15.77 9.57
CA ASP A 10 19.39 -16.18 8.61
C ASP A 10 18.19 -15.24 8.69
N LEU A 11 17.64 -15.07 9.89
CA LEU A 11 16.52 -14.15 10.09
C LEU A 11 16.92 -12.74 9.73
N VAL A 12 18.12 -12.34 10.16
CA VAL A 12 18.58 -10.97 9.94
C VAL A 12 18.71 -10.68 8.45
N GLU A 13 19.22 -11.64 7.69
CA GLU A 13 19.37 -11.49 6.24
C GLU A 13 18.02 -11.49 5.54
N ALA A 14 17.10 -12.36 5.94
CA ALA A 14 15.76 -12.36 5.33
C ALA A 14 15.21 -10.97 5.37
N LEU A 15 15.26 -10.38 6.56
CA LEU A 15 14.78 -9.03 6.75
C LEU A 15 15.46 -8.04 5.83
N GLU A 16 16.78 -8.13 5.75
CA GLU A 16 17.54 -7.21 4.93
C GLU A 16 17.16 -7.27 3.46
N ARG A 17 17.07 -8.47 2.90
CA ARG A 17 16.64 -8.61 1.50
C ARG A 17 15.18 -8.19 1.27
N ASP A 18 14.25 -8.73 2.07
CA ASP A 18 12.80 -8.61 1.86
C ASP A 18 12.09 -7.38 2.44
N ILE A 19 12.44 -6.97 3.66
CA ILE A 19 11.70 -5.91 4.34
C ILE A 19 12.32 -4.54 4.08
N ILE A 20 13.63 -4.44 4.26
CA ILE A 20 14.29 -3.14 4.23
C ILE A 20 14.53 -2.70 2.82
N SER A 21 14.16 -1.45 2.58
CA SER A 21 14.52 -0.74 1.40
C SER A 21 14.64 0.74 1.73
N GLN A 22 15.56 1.41 1.05
CA GLN A 22 15.74 2.86 1.17
C GLN A 22 15.53 3.57 -0.18
N ASN A 23 16.11 3.03 -1.25
CA ASN A 23 16.02 3.64 -2.58
C ASN A 23 14.60 3.69 -3.17
N PRO A 24 13.75 2.65 -2.90
CA PRO A 24 12.34 2.66 -3.32
C PRO A 24 11.51 3.90 -3.01
N ASN A 25 11.04 4.54 -4.09
CA ASN A 25 10.47 5.87 -4.06
C ASN A 25 9.20 6.02 -4.87
N VAL A 26 8.31 6.85 -4.34
CA VAL A 26 6.93 6.99 -4.78
C VAL A 26 6.57 8.45 -4.56
N ARG A 27 6.38 9.19 -5.65
CA ARG A 27 5.99 10.61 -5.58
C ARG A 27 4.50 10.67 -5.37
N TRP A 28 4.01 11.73 -4.71
CA TRP A 28 2.58 11.87 -4.35
C TRP A 28 1.72 12.02 -5.58
N ASP A 29 2.31 12.68 -6.59
CA ASP A 29 1.76 12.79 -7.94
C ASP A 29 1.31 11.46 -8.45
N ASP A 30 2.13 10.44 -8.23
CA ASP A 30 1.92 9.08 -8.75
C ASP A 30 0.75 8.35 -8.12
N ILE A 31 0.20 8.89 -7.03
CA ILE A 31 -1.01 8.38 -6.40
C ILE A 31 -2.23 9.26 -6.69
N ALA A 32 -3.24 8.75 -7.39
CA ALA A 32 -4.42 9.60 -7.72
C ALA A 32 -5.61 9.39 -6.78
N ASP A 33 -6.56 10.31 -6.79
CA ASP A 33 -7.74 10.19 -5.95
C ASP A 33 -7.58 10.34 -4.44
N LEU A 34 -6.35 10.51 -3.91
CA LEU A 34 -6.30 10.85 -2.49
C LEU A 34 -5.73 12.23 -2.14
N VAL A 35 -6.53 13.27 -2.27
CA VAL A 35 -6.02 14.59 -1.88
C VAL A 35 -6.24 14.87 -0.38
N GLU A 36 -7.27 14.29 0.19
CA GLU A 36 -7.59 14.53 1.57
C GLU A 36 -6.76 13.65 2.50
N ALA A 37 -6.57 12.38 2.12
CA ALA A 37 -5.76 11.48 2.93
C ALA A 37 -4.32 11.96 2.96
N LYS A 38 -3.79 12.42 1.84
CA LYS A 38 -2.44 12.93 1.81
C LYS A 38 -2.22 14.05 2.83
N LYS A 39 -3.14 15.00 2.92
CA LYS A 39 -3.10 16.03 3.98
C LYS A 39 -3.02 15.42 5.38
N LEU A 40 -3.87 14.42 5.65
CA LEU A 40 -3.95 13.81 6.97
C LEU A 40 -2.65 13.12 7.35
N LEU A 41 -2.15 12.24 6.47
CA LEU A 41 -0.81 11.64 6.58
C LEU A 41 0.34 12.62 6.82
N LYS A 42 0.44 13.60 5.93
CA LYS A 42 1.48 14.60 6.07
C LYS A 42 1.48 15.26 7.47
N GLU A 43 0.29 15.55 7.99
CA GLU A 43 0.17 16.13 9.33
C GLU A 43 0.54 15.16 10.43
N ALA A 44 -0.02 13.94 10.39
CA ALA A 44 0.24 12.93 11.43
C ALA A 44 1.69 12.47 11.53
N VAL A 45 2.43 12.51 10.42
CA VAL A 45 3.77 11.89 10.33
C VAL A 45 4.91 12.80 9.78
N VAL A 46 4.67 13.40 8.64
CA VAL A 46 5.72 14.10 7.93
C VAL A 46 6.07 15.38 8.67
N LEU A 47 5.09 16.28 8.81
CA LEU A 47 5.29 17.58 9.49
C LEU A 47 5.93 17.46 10.89
N PRO A 48 5.47 16.49 11.72
CA PRO A 48 6.06 16.27 13.03
C PRO A 48 7.56 16.00 13.04
N MET A 49 8.11 15.58 11.91
CA MET A 49 9.55 15.40 11.76
C MET A 49 10.23 16.70 11.33
N TRP A 50 9.55 17.49 10.49
CA TRP A 50 10.06 18.80 10.09
C TRP A 50 10.02 19.88 11.17
N MET A 51 9.14 19.76 12.15
CA MET A 51 9.05 20.73 13.23
C MET A 51 8.67 20.05 14.55
N PRO A 52 9.63 19.33 15.15
CA PRO A 52 9.34 18.51 16.34
C PRO A 52 8.95 19.30 17.58
N GLU A 53 9.79 20.25 17.99
CA GLU A 53 9.54 21.01 19.21
C GLU A 53 8.38 21.99 19.06
N PHE A 54 8.01 22.32 17.82
CA PHE A 54 6.75 23.03 17.54
C PHE A 54 5.50 22.29 18.07
N PHE A 55 5.47 20.97 17.94
CA PHE A 55 4.40 20.15 18.54
C PHE A 55 4.56 19.98 20.08
N LYS A 56 3.76 20.68 20.87
CA LYS A 56 3.86 20.63 22.35
C LYS A 56 2.56 20.15 23.04
N GLY A 57 1.54 21.01 23.12
CA GLY A 57 0.17 20.63 23.58
C GLY A 57 -0.81 20.48 22.42
N ILE A 58 -0.25 20.56 21.21
CA ILE A 58 -0.86 20.14 19.97
C ILE A 58 -0.06 18.99 19.34
N ARG A 59 1.00 18.52 20.01
CA ARG A 59 1.73 17.33 19.54
C ARG A 59 0.77 16.27 19.10
N ARG A 60 1.03 15.72 17.91
CA ARG A 60 0.10 14.80 17.27
C ARG A 60 0.02 13.57 18.12
N PRO A 61 -1.10 13.43 18.88
CA PRO A 61 -1.21 12.30 19.81
C PRO A 61 -1.14 10.96 19.10
N TRP A 62 -1.05 11.00 17.77
CA TRP A 62 -1.04 9.83 16.95
C TRP A 62 0.37 9.27 17.04
N LYS A 63 0.47 8.02 17.49
CA LYS A 63 1.73 7.29 17.58
C LYS A 63 1.98 6.58 16.24
N GLY A 64 0.95 5.85 15.81
CA GLY A 64 0.92 5.18 14.50
C GLY A 64 -0.34 5.55 13.74
N VAL A 65 -0.41 5.08 12.49
CA VAL A 65 -1.54 5.32 11.61
C VAL A 65 -2.11 3.97 11.19
N LEU A 66 -3.44 3.90 11.14
CA LEU A 66 -4.13 2.79 10.51
C LEU A 66 -4.84 3.39 9.33
N MET A 67 -4.64 2.80 8.15
CA MET A 67 -5.40 3.15 6.95
C MET A 67 -6.33 1.97 6.79
N VAL A 68 -7.57 2.26 6.44
CA VAL A 68 -8.59 1.23 6.33
C VAL A 68 -9.16 1.35 4.94
N GLY A 69 -9.65 0.24 4.41
CA GLY A 69 -10.29 0.27 3.11
C GLY A 69 -10.20 -1.06 2.42
N PRO A 70 -10.86 -1.20 1.25
CA PRO A 70 -10.79 -2.47 0.50
C PRO A 70 -9.43 -2.68 -0.16
N PRO A 71 -9.24 -3.86 -0.77
CA PRO A 71 -7.97 -4.10 -1.44
C PRO A 71 -7.64 -3.12 -2.62
N GLY A 72 -6.38 -2.74 -2.75
CA GLY A 72 -5.86 -2.15 -3.96
C GLY A 72 -6.34 -0.75 -4.22
N THR A 73 -6.34 0.08 -3.19
CA THR A 73 -6.83 1.45 -3.25
C THR A 73 -5.77 2.50 -2.97
N GLY A 74 -4.51 2.10 -2.84
CA GLY A 74 -3.38 3.05 -2.69
C GLY A 74 -2.79 3.13 -1.29
N LYS A 75 -3.25 2.29 -0.39
CA LYS A 75 -2.69 2.27 0.98
C LYS A 75 -1.17 2.01 1.04
N THR A 76 -0.66 0.96 0.42
CA THR A 76 0.80 0.76 0.42
C THR A 76 1.52 1.92 -0.30
N LEU A 77 0.97 2.36 -1.43
CA LEU A 77 1.49 3.54 -2.14
C LEU A 77 1.63 4.80 -1.30
N LEU A 78 0.68 5.03 -0.41
CA LEU A 78 0.77 6.20 0.49
C LEU A 78 1.89 6.02 1.46
N ALA A 79 2.02 4.80 1.98
CA ALA A 79 3.04 4.49 2.98
C ALA A 79 4.44 4.68 2.39
N LYS A 80 4.63 4.26 1.15
CA LYS A 80 5.90 4.45 0.49
C LYS A 80 6.17 5.91 0.24
N ALA A 81 5.10 6.63 -0.08
CA ALA A 81 5.19 8.06 -0.34
C ALA A 81 5.69 8.87 0.84
N VAL A 82 5.38 8.42 2.06
CA VAL A 82 5.87 9.08 3.28
C VAL A 82 7.37 8.87 3.42
N ALA A 83 7.78 7.61 3.30
CA ALA A 83 9.18 7.22 3.47
C ALA A 83 10.14 7.90 2.50
N THR A 84 9.61 8.36 1.37
CA THR A 84 10.43 9.04 0.36
C THR A 84 10.49 10.51 0.62
N GLU A 85 9.39 11.12 1.04
CA GLU A 85 9.43 12.49 1.56
C GLU A 85 10.39 12.65 2.71
N CYS A 86 10.28 11.74 3.68
CA CYS A 86 11.03 11.82 4.93
C CYS A 86 12.42 11.20 4.81
N LYS A 87 12.72 10.59 3.66
CA LYS A 87 13.99 9.92 3.40
C LYS A 87 14.37 8.92 4.50
N THR A 88 13.38 8.19 4.98
CA THR A 88 13.57 7.23 6.05
C THR A 88 13.85 5.86 5.46
N THR A 89 14.35 4.95 6.28
CA THR A 89 14.48 3.58 5.83
C THR A 89 13.11 2.93 5.97
N PHE A 90 12.67 2.29 4.89
CA PHE A 90 11.30 1.79 4.75
C PHE A 90 11.30 0.31 5.10
N PHE A 91 10.41 -0.06 6.00
CA PHE A 91 10.18 -1.45 6.36
C PHE A 91 8.78 -1.86 5.88
N ASN A 92 8.72 -2.65 4.81
CA ASN A 92 7.45 -3.15 4.30
C ASN A 92 7.24 -4.54 4.86
N VAL A 93 6.47 -4.59 5.93
CA VAL A 93 6.19 -5.84 6.61
C VAL A 93 4.77 -6.35 6.34
N SER A 94 4.67 -7.60 5.89
CA SER A 94 3.40 -8.28 5.92
C SER A 94 3.18 -8.88 7.27
N SER A 95 1.93 -9.15 7.60
CA SER A 95 1.61 -9.97 8.78
C SER A 95 1.81 -11.49 8.50
N SER A 96 1.77 -11.93 7.23
CA SER A 96 2.14 -13.31 6.88
C SER A 96 3.61 -13.63 7.24
N THR A 97 4.51 -12.71 6.87
CA THR A 97 5.92 -12.78 7.25
C THR A 97 6.12 -12.95 8.76
N LEU A 98 5.24 -12.34 9.54
CA LEU A 98 5.34 -12.39 11.00
C LEU A 98 4.98 -13.75 11.58
N THR A 99 3.96 -14.39 10.99
CA THR A 99 3.50 -15.72 11.41
C THR A 99 4.41 -16.89 10.97
N SER A 100 4.60 -17.07 9.67
CA SER A 100 5.22 -18.30 9.10
C SER A 100 4.54 -19.60 9.59
N GLU A 105 9.90 -17.33 19.18
CA GLU A 105 10.18 -18.20 18.04
C GLU A 105 9.75 -17.56 16.70
N SER A 106 8.46 -17.32 16.52
CA SER A 106 7.93 -16.49 15.44
C SER A 106 7.80 -15.00 15.87
N GLU A 107 7.79 -14.79 17.18
CA GLU A 107 7.80 -13.49 17.85
C GLU A 107 9.07 -12.70 17.54
N LYS A 108 10.21 -13.38 17.68
CA LYS A 108 11.54 -12.78 17.53
C LYS A 108 11.76 -11.88 16.29
N LEU A 109 11.07 -12.18 15.19
CA LEU A 109 11.01 -11.31 13.99
C LEU A 109 10.49 -9.91 14.29
N VAL A 110 9.41 -9.83 15.08
CA VAL A 110 8.82 -8.56 15.45
C VAL A 110 9.77 -7.77 16.33
N ARG A 111 10.35 -8.43 17.32
CA ARG A 111 11.33 -7.77 18.18
C ARG A 111 12.55 -7.30 17.38
N LEU A 112 12.96 -8.12 16.43
CA LEU A 112 14.08 -7.80 15.54
C LEU A 112 13.74 -6.63 14.60
N LEU A 113 12.57 -6.70 14.00
CA LEU A 113 12.11 -5.63 13.12
C LEU A 113 12.25 -4.27 13.78
N PHE A 114 11.66 -4.11 14.96
CA PHE A 114 11.70 -2.81 15.66
C PHE A 114 13.11 -2.47 16.14
N GLU A 115 13.82 -3.47 16.64
CA GLU A 115 15.21 -3.27 17.07
C GLU A 115 16.08 -2.81 15.88
N MET A 116 15.78 -3.29 14.66
CA MET A 116 16.48 -2.84 13.43
C MET A 116 16.09 -1.44 12.94
N ALA A 117 14.82 -1.06 13.13
CA ALA A 117 14.36 0.30 12.83
C ALA A 117 14.99 1.30 13.80
N ARG A 118 14.96 0.97 15.09
CA ARG A 118 15.61 1.82 16.10
C ARG A 118 17.04 2.15 15.72
N PHE A 119 17.84 1.16 15.33
CA PHE A 119 19.24 1.44 14.94
C PHE A 119 19.31 2.15 13.58
N TYR A 120 18.45 1.77 12.67
CA TYR A 120 18.50 2.39 11.39
C TYR A 120 17.98 3.79 11.25
N SER A 121 18.28 4.56 12.27
CA SER A 121 17.86 5.94 12.51
C SER A 121 16.40 6.03 12.24
N PRO A 122 15.99 6.98 11.40
CA PRO A 122 14.60 7.28 11.11
C PRO A 122 14.16 6.16 10.24
N ALA A 123 13.08 5.53 10.64
CA ALA A 123 12.50 4.40 9.93
C ALA A 123 11.02 4.60 9.79
N THR A 124 10.43 3.86 8.88
CA THR A 124 9.00 3.83 8.80
C THR A 124 8.66 2.38 8.59
N ILE A 125 7.83 1.90 9.51
CA ILE A 125 7.36 0.55 9.53
C ILE A 125 5.97 0.60 8.93
N PHE A 126 5.70 -0.29 7.97
CA PHE A 126 4.37 -0.44 7.40
C PHE A 126 3.90 -1.89 7.49
N ILE A 127 2.88 -2.15 8.31
CA ILE A 127 2.40 -3.51 8.56
C ILE A 127 1.09 -3.77 7.77
N ASP A 128 1.23 -4.44 6.64
CA ASP A 128 0.13 -4.71 5.71
C ASP A 128 -0.71 -5.84 6.31
N GLU A 129 -2.01 -5.79 6.04
CA GLU A 129 -2.96 -6.84 6.47
C GLU A 129 -2.86 -7.19 7.96
N ILE A 130 -2.81 -6.16 8.82
CA ILE A 130 -2.70 -6.37 10.27
C ILE A 130 -4.00 -6.84 10.97
N ASP A 131 -5.11 -6.90 10.24
CA ASP A 131 -6.29 -7.66 10.70
C ASP A 131 -5.93 -9.09 11.15
N SER A 132 -5.07 -9.74 10.38
CA SER A 132 -4.76 -11.16 10.53
C SER A 132 -3.92 -11.50 11.75
N ILE A 133 -3.26 -10.51 12.34
CA ILE A 133 -2.50 -10.68 13.58
C ILE A 133 -3.29 -11.44 14.65
N CYS A 134 -4.61 -11.24 14.68
CA CYS A 134 -5.56 -11.95 15.56
C CYS A 134 -6.52 -12.82 14.74
N SER A 135 -7.12 -13.82 15.39
CA SER A 135 -7.99 -14.79 14.70
C SER A 135 -7.35 -15.38 13.44
N SER A 140 -5.76 -24.43 17.67
CA SER A 140 -5.70 -24.09 19.09
C SER A 140 -4.27 -23.81 19.51
N GLU A 141 -3.39 -24.77 19.22
CA GLU A 141 -1.94 -24.62 19.39
C GLU A 141 -1.33 -23.75 18.27
N GLU A 142 -2.05 -23.66 17.14
CA GLU A 142 -1.67 -22.84 15.98
C GLU A 142 -2.02 -21.37 16.17
N HIS A 143 -3.20 -21.13 16.76
CA HIS A 143 -3.65 -19.77 17.09
C HIS A 143 -2.80 -19.16 18.22
N GLU A 144 -2.20 -19.99 19.08
CA GLU A 144 -1.20 -19.56 20.10
C GLU A 144 0.06 -18.89 19.52
N ALA A 145 0.38 -19.22 18.27
CA ALA A 145 1.46 -18.52 17.54
C ALA A 145 1.13 -17.04 17.41
N SER A 146 -0.11 -16.72 17.06
CA SER A 146 -0.59 -15.34 16.84
C SER A 146 -0.76 -14.48 18.09
N ARG A 147 -1.08 -15.09 19.22
CA ARG A 147 -1.31 -14.40 20.49
C ARG A 147 -0.01 -13.91 21.12
N ARG A 148 1.04 -14.71 20.98
CA ARG A 148 2.39 -14.32 21.43
C ARG A 148 3.02 -13.24 20.56
N VAL A 149 2.64 -13.18 19.27
CA VAL A 149 3.18 -12.19 18.36
C VAL A 149 2.48 -10.86 18.57
N LYS A 150 1.15 -10.90 18.66
CA LYS A 150 0.36 -9.70 18.97
C LYS A 150 0.87 -9.07 20.25
N ALA A 151 1.17 -9.92 21.24
CA ALA A 151 1.73 -9.48 22.50
C ALA A 151 3.00 -8.65 22.30
N GLU A 152 3.90 -9.15 21.46
CA GLU A 152 5.17 -8.47 21.19
C GLU A 152 5.02 -7.24 20.28
N LEU A 153 4.02 -7.20 19.41
CA LEU A 153 3.77 -5.96 18.65
C LEU A 153 3.32 -4.83 19.56
N LEU A 154 2.39 -5.11 20.47
CA LEU A 154 1.86 -4.08 21.36
C LEU A 154 2.88 -3.55 22.33
N VAL A 155 3.75 -4.42 22.83
CA VAL A 155 4.91 -3.97 23.63
C VAL A 155 5.87 -3.07 22.83
N GLN A 156 6.17 -3.46 21.58
CA GLN A 156 7.16 -2.75 20.78
C GLN A 156 6.63 -1.43 20.30
N MET A 157 5.35 -1.40 19.94
CA MET A 157 4.74 -0.19 19.35
C MET A 157 4.81 1.05 20.24
N ASP A 158 4.80 0.82 21.56
CA ASP A 158 4.95 1.88 22.59
C ASP A 158 6.34 2.53 22.61
N GLY A 159 7.34 1.83 22.08
CA GLY A 159 8.68 2.36 21.81
C GLY A 159 8.77 3.55 20.87
N VAL A 160 7.72 3.86 20.10
CA VAL A 160 7.65 5.14 19.35
C VAL A 160 7.66 6.35 20.30
N PRO A 169 13.76 14.65 15.62
CA PRO A 169 14.82 14.13 16.46
C PRO A 169 15.64 12.99 15.80
N SER A 170 15.27 12.60 14.56
CA SER A 170 16.03 11.66 13.69
C SER A 170 16.40 10.27 14.26
N LYS A 171 15.78 9.87 15.37
CA LYS A 171 15.80 8.49 15.85
C LYS A 171 14.35 8.04 15.84
N MET A 172 13.58 8.60 14.92
CA MET A 172 12.15 8.51 14.96
C MET A 172 11.75 7.25 14.21
N VAL A 173 10.75 6.55 14.74
CA VAL A 173 10.23 5.38 14.09
C VAL A 173 8.74 5.58 14.01
N MET A 174 8.22 5.37 12.80
CA MET A 174 6.84 5.61 12.48
C MET A 174 6.25 4.27 12.18
N VAL A 175 4.98 4.12 12.51
CA VAL A 175 4.32 2.82 12.45
C VAL A 175 2.98 2.93 11.72
N LEU A 176 3.01 2.66 10.43
CA LEU A 176 1.83 2.72 9.58
C LEU A 176 1.32 1.32 9.38
N ALA A 177 0.03 1.18 9.12
CA ALA A 177 -0.56 -0.13 8.98
C ALA A 177 -1.85 -0.05 8.19
N ALA A 178 -2.32 -1.20 7.75
CA ALA A 178 -3.28 -1.29 6.69
C ALA A 178 -4.14 -2.50 6.90
N THR A 179 -5.44 -2.38 6.59
CA THR A 179 -6.37 -3.50 6.69
C THR A 179 -7.62 -3.41 5.81
N ASN A 180 -7.98 -4.55 5.23
CA ASN A 180 -9.22 -4.69 4.46
C ASN A 180 -10.40 -4.98 5.37
N PHE A 181 -10.15 -5.46 6.58
CA PHE A 181 -11.17 -5.92 7.55
C PHE A 181 -10.97 -5.27 8.91
N PRO A 182 -11.19 -3.94 9.02
CA PRO A 182 -10.91 -3.15 10.24
C PRO A 182 -11.65 -3.60 11.49
N TRP A 183 -12.89 -4.01 11.28
CA TRP A 183 -13.79 -4.60 12.29
C TRP A 183 -13.22 -5.84 13.01
N ASP A 184 -12.13 -6.44 12.50
CA ASP A 184 -11.36 -7.48 13.21
C ASP A 184 -10.13 -6.95 13.99
N ILE A 185 -10.31 -5.86 14.74
CA ILE A 185 -9.24 -5.24 15.50
C ILE A 185 -9.80 -4.79 16.85
N ASP A 186 -9.22 -5.34 17.92
CA ASP A 186 -9.70 -5.13 19.29
C ASP A 186 -9.10 -3.87 19.92
N GLU A 187 -9.77 -3.39 20.98
CA GLU A 187 -9.40 -2.16 21.73
C GLU A 187 -7.93 -2.04 22.11
N ALA A 188 -7.37 -3.16 22.57
CA ALA A 188 -5.94 -3.28 22.87
C ALA A 188 -5.06 -2.90 21.68
N LEU A 189 -5.52 -3.25 20.47
CA LEU A 189 -4.78 -2.95 19.26
C LEU A 189 -5.12 -1.55 18.74
N ARG A 190 -6.30 -1.06 19.12
CA ARG A 190 -6.74 0.26 18.70
C ARG A 190 -5.93 1.37 19.35
N ARG A 191 -5.60 1.18 20.63
CA ARG A 191 -4.81 2.18 21.37
C ARG A 191 -3.48 2.51 20.73
N ARG A 192 -2.91 1.56 19.99
CA ARG A 192 -1.60 1.76 19.33
C ARG A 192 -1.66 2.52 18.00
N LEU A 193 -2.80 2.47 17.33
CA LEU A 193 -2.99 3.08 16.03
C LEU A 193 -4.04 4.21 16.16
N GLU A 194 -3.58 5.31 16.74
CA GLU A 194 -4.48 6.38 17.19
C GLU A 194 -5.22 7.01 16.00
N LYS A 195 -4.47 7.41 14.97
CA LYS A 195 -5.04 8.01 13.76
C LYS A 195 -5.58 6.94 12.82
N ARG A 196 -6.80 7.15 12.33
CA ARG A 196 -7.42 6.28 11.32
C ARG A 196 -7.77 7.10 10.10
N ILE A 197 -7.76 6.44 8.95
CA ILE A 197 -7.92 7.08 7.66
C ILE A 197 -8.60 6.09 6.74
N TYR A 198 -9.60 6.63 6.02
CA TYR A 198 -10.29 5.87 5.02
C TYR A 198 -9.69 6.15 3.64
N ILE A 199 -9.18 5.08 3.02
CA ILE A 199 -8.71 5.07 1.66
C ILE A 199 -9.75 4.35 0.83
N PRO A 200 -10.75 5.09 0.31
CA PRO A 200 -11.80 4.43 -0.45
C PRO A 200 -11.35 4.04 -1.86
N LEU A 201 -12.27 3.50 -2.66
CA LEU A 201 -12.00 3.22 -4.05
C LEU A 201 -12.00 4.56 -4.78
N PRO A 202 -11.40 4.60 -5.98
CA PRO A 202 -11.29 5.91 -6.60
C PRO A 202 -12.65 6.50 -7.00
N SER A 203 -12.78 7.82 -6.83
CA SER A 203 -13.95 8.56 -7.28
C SER A 203 -13.87 8.76 -8.81
N ALA A 204 -14.89 9.36 -9.39
CA ALA A 204 -14.95 9.50 -10.84
C ALA A 204 -13.77 10.34 -11.34
N LYS A 205 -13.52 11.48 -10.68
CA LYS A 205 -12.32 12.29 -10.93
C LYS A 205 -11.03 11.56 -10.54
N GLY A 206 -11.08 10.77 -9.47
CA GLY A 206 -9.97 9.92 -9.06
C GLY A 206 -9.57 8.82 -10.04
N ARG A 207 -10.57 8.11 -10.55
CA ARG A 207 -10.32 7.02 -11.50
C ARG A 207 -9.80 7.50 -12.85
N GLU A 208 -10.13 8.74 -13.20
CA GLU A 208 -9.70 9.30 -14.49
C GLU A 208 -8.22 9.72 -14.43
N GLU A 209 -7.82 10.25 -13.27
CA GLU A 209 -6.45 10.69 -13.00
C GLU A 209 -5.52 9.47 -13.03
N LEU A 210 -5.98 8.36 -12.44
CA LEU A 210 -5.25 7.07 -12.43
C LEU A 210 -4.91 6.53 -13.79
N LEU A 211 -5.87 6.61 -14.71
CA LEU A 211 -5.66 6.33 -16.13
C LEU A 211 -4.67 7.28 -16.79
N ARG A 212 -4.68 8.57 -16.43
CA ARG A 212 -3.70 9.52 -16.95
C ARG A 212 -2.32 9.10 -16.50
N ILE A 213 -2.22 8.59 -15.27
CA ILE A 213 -0.93 8.17 -14.71
C ILE A 213 -0.38 6.94 -15.45
N SER A 214 -1.26 5.99 -15.74
CA SER A 214 -0.85 4.72 -16.32
C SER A 214 -0.68 4.76 -17.83
N LEU A 215 -1.52 5.53 -18.52
CA LEU A 215 -1.50 5.55 -20.00
C LEU A 215 -0.59 6.62 -20.56
N ARG A 216 0.23 7.25 -19.70
CA ARG A 216 0.95 8.46 -20.07
C ARG A 216 1.98 8.31 -21.16
N GLU A 217 2.53 7.11 -21.33
CA GLU A 217 3.53 6.92 -22.38
C GLU A 217 3.03 6.06 -23.55
N LEU A 218 1.73 5.76 -23.59
CA LEU A 218 1.17 4.79 -24.55
C LEU A 218 0.54 5.43 -25.79
N GLU A 219 0.17 4.56 -26.74
CA GLU A 219 -0.51 4.90 -28.00
C GLU A 219 0.42 5.75 -28.88
N ASP A 223 -9.88 11.46 -23.07
CA ASP A 223 -10.65 12.33 -22.18
C ASP A 223 -12.12 11.92 -21.99
N VAL A 224 -13.01 12.16 -22.98
CA VAL A 224 -14.40 11.61 -22.95
C VAL A 224 -14.28 10.11 -23.25
N ASP A 225 -13.38 9.80 -24.18
CA ASP A 225 -12.69 8.51 -24.25
C ASP A 225 -12.41 7.99 -22.83
N LEU A 226 -11.46 8.62 -22.13
CA LEU A 226 -11.04 8.18 -20.80
C LEU A 226 -12.03 8.49 -19.67
N ALA A 227 -12.97 9.40 -19.90
CA ALA A 227 -14.02 9.64 -18.90
C ALA A 227 -15.04 8.52 -19.04
N SER A 228 -15.38 8.14 -20.29
CA SER A 228 -16.17 6.93 -20.54
C SER A 228 -15.57 5.75 -19.80
N ILE A 229 -14.28 5.53 -19.99
CA ILE A 229 -13.59 4.39 -19.37
C ILE A 229 -13.70 4.53 -17.87
N ALA A 230 -13.30 5.69 -17.35
CA ALA A 230 -13.43 5.96 -15.92
C ALA A 230 -14.86 5.74 -15.44
N GLU A 231 -15.85 6.23 -16.21
CA GLU A 231 -17.29 6.07 -15.91
C GLU A 231 -17.78 4.63 -16.03
N ASN A 232 -17.09 3.81 -16.82
CA ASN A 232 -17.34 2.37 -16.85
C ASN A 232 -16.69 1.55 -15.74
N MET A 233 -15.96 2.18 -14.81
CA MET A 233 -15.34 1.43 -13.71
C MET A 233 -16.16 1.30 -12.42
N GLU A 234 -16.45 2.40 -11.74
CA GLU A 234 -17.51 2.50 -10.72
C GLU A 234 -17.58 1.34 -9.73
N GLY A 235 -16.65 1.33 -8.78
CA GLY A 235 -16.49 0.21 -7.86
C GLY A 235 -15.38 -0.77 -8.22
N TYR A 236 -14.47 -0.34 -9.10
CA TYR A 236 -13.21 -1.05 -9.30
C TYR A 236 -12.11 -0.33 -8.51
N SER A 237 -11.19 -1.12 -7.95
CA SER A 237 -10.10 -0.56 -7.18
C SER A 237 -9.00 -0.09 -8.13
N GLY A 238 -8.08 0.68 -7.57
CA GLY A 238 -6.96 1.19 -8.33
C GLY A 238 -6.09 0.11 -8.95
N ALA A 239 -5.97 -1.03 -8.26
CA ALA A 239 -5.21 -2.18 -8.76
C ALA A 239 -5.86 -2.85 -9.96
N ASP A 240 -7.20 -2.89 -9.99
CA ASP A 240 -7.95 -3.50 -11.10
C ASP A 240 -7.84 -2.66 -12.36
N ILE A 241 -7.99 -1.35 -12.17
CA ILE A 241 -7.88 -0.36 -13.25
C ILE A 241 -6.51 -0.42 -13.89
N THR A 242 -5.46 -0.50 -13.09
CA THR A 242 -4.09 -0.63 -13.62
C THR A 242 -3.89 -1.88 -14.46
N ASN A 243 -4.49 -2.99 -14.04
CA ASN A 243 -4.37 -4.25 -14.77
C ASN A 243 -5.09 -4.18 -16.11
N VAL A 244 -6.31 -3.65 -16.11
CA VAL A 244 -7.05 -3.43 -17.34
C VAL A 244 -6.20 -2.71 -18.38
N CYS A 245 -5.47 -1.69 -17.93
CA CYS A 245 -4.62 -0.94 -18.81
C CYS A 245 -3.51 -1.83 -19.30
N ARG A 246 -2.85 -2.54 -18.39
CA ARG A 246 -1.84 -3.53 -18.75
C ARG A 246 -2.38 -4.47 -19.83
N ASP A 247 -3.53 -5.07 -19.57
CA ASP A 247 -4.13 -6.07 -20.45
C ASP A 247 -4.42 -5.41 -21.79
N ALA A 248 -5.32 -4.41 -21.77
CA ALA A 248 -5.74 -3.64 -22.94
C ALA A 248 -4.59 -3.08 -23.76
N SER A 249 -3.60 -2.50 -23.08
CA SER A 249 -2.42 -1.96 -23.74
C SER A 249 -1.72 -3.03 -24.56
N LEU A 250 -1.74 -4.25 -24.01
CA LEU A 250 -1.12 -5.41 -24.63
C LEU A 250 -2.02 -6.10 -25.66
N MET A 251 -3.33 -5.87 -25.59
CA MET A 251 -4.32 -6.62 -26.40
C MET A 251 -4.26 -6.28 -27.88
N ALA A 252 -4.09 -5.00 -28.19
CA ALA A 252 -4.07 -4.53 -29.57
C ALA A 252 -3.19 -5.39 -30.49
N MET A 253 -1.90 -5.35 -30.27
CA MET A 253 -0.90 -5.99 -31.15
C MET A 253 -0.97 -7.51 -31.27
N ARG A 254 -1.43 -8.19 -30.23
CA ARG A 254 -1.50 -9.64 -30.23
C ARG A 254 -2.39 -10.19 -31.32
N ARG A 255 -3.68 -9.90 -31.21
CA ARG A 255 -4.68 -10.48 -32.11
C ARG A 255 -4.38 -10.16 -33.58
N ARG A 256 -3.96 -8.92 -33.84
CA ARG A 256 -3.68 -8.49 -35.19
C ARG A 256 -2.23 -8.74 -35.58
N ILE A 257 -1.31 -7.96 -35.03
CA ILE A 257 0.00 -7.80 -35.65
C ILE A 257 0.76 -9.12 -35.67
N GLU A 258 0.58 -9.94 -34.64
CA GLU A 258 1.15 -11.28 -34.59
C GLU A 258 0.06 -12.34 -34.37
N GLY A 259 -1.10 -12.12 -34.98
CA GLY A 259 -2.20 -13.09 -34.93
C GLY A 259 -1.90 -14.30 -35.78
N LEU A 260 -1.14 -14.07 -36.86
CA LEU A 260 -0.68 -15.14 -37.77
C LEU A 260 0.38 -16.07 -37.12
N THR A 261 0.99 -15.62 -36.03
CA THR A 261 2.00 -16.39 -35.25
C THR A 261 3.25 -16.86 -36.03
N PRO A 262 3.71 -16.07 -37.03
CA PRO A 262 4.91 -16.51 -37.75
C PRO A 262 6.18 -16.27 -36.93
N GLU A 263 6.67 -17.35 -36.30
CA GLU A 263 7.86 -17.31 -35.42
C GLU A 263 9.05 -16.58 -36.01
N GLU A 264 9.36 -16.91 -37.27
CA GLU A 264 10.49 -16.28 -37.96
C GLU A 264 10.19 -14.79 -38.05
N ILE A 265 9.07 -14.48 -38.69
CA ILE A 265 8.71 -13.12 -39.10
C ILE A 265 8.76 -12.10 -37.95
N ARG A 266 8.35 -12.50 -36.74
CA ARG A 266 8.39 -11.59 -35.58
C ARG A 266 9.81 -11.31 -35.04
N ASN A 267 10.74 -11.14 -35.98
CA ASN A 267 12.09 -10.73 -35.61
C ASN A 267 11.99 -9.26 -35.14
N LEU A 268 13.12 -8.66 -34.77
CA LEU A 268 13.13 -7.28 -34.28
C LEU A 268 12.90 -6.21 -35.36
N SER A 269 11.65 -6.06 -35.81
CA SER A 269 11.36 -5.15 -36.91
C SER A 269 10.61 -3.97 -36.32
N LYS A 270 11.32 -3.22 -35.48
CA LYS A 270 10.73 -2.12 -34.66
C LYS A 270 10.21 -0.89 -35.44
N GLU A 271 10.44 -0.84 -36.75
CA GLU A 271 9.73 0.10 -37.64
C GLU A 271 8.20 0.10 -37.43
N GLU A 272 7.66 -1.08 -37.13
CA GLU A 272 6.23 -1.31 -36.94
C GLU A 272 5.88 -1.21 -35.43
N MET A 273 6.37 -0.17 -34.75
CA MET A 273 6.21 0.01 -33.29
C MET A 273 4.88 0.65 -32.91
N HIS A 274 4.39 1.56 -33.75
CA HIS A 274 3.16 2.29 -33.46
C HIS A 274 1.93 1.43 -33.72
N MET A 275 1.31 1.02 -32.62
CA MET A 275 0.16 0.13 -32.63
C MET A 275 -0.85 0.72 -31.65
N PRO A 276 -1.46 1.86 -32.04
CA PRO A 276 -2.33 2.61 -31.13
C PRO A 276 -3.44 1.76 -30.52
N THR A 277 -3.43 1.66 -29.20
CA THR A 277 -4.39 0.82 -28.48
C THR A 277 -5.81 1.40 -28.48
N THR A 278 -6.78 0.61 -28.93
CA THR A 278 -8.14 1.10 -29.26
C THR A 278 -9.07 1.11 -28.05
N MET A 279 -10.30 1.58 -28.25
CA MET A 279 -11.36 1.52 -27.22
C MET A 279 -11.89 0.11 -27.06
N GLU A 280 -12.04 -0.59 -28.19
CA GLU A 280 -12.48 -1.98 -28.19
C GLU A 280 -11.65 -2.77 -27.19
N ASP A 281 -10.35 -2.50 -27.17
CA ASP A 281 -9.42 -3.16 -26.24
C ASP A 281 -9.84 -2.96 -24.80
N PHE A 282 -10.10 -1.70 -24.42
CA PHE A 282 -10.51 -1.40 -23.04
C PHE A 282 -11.85 -2.03 -22.66
N GLU A 283 -12.72 -2.26 -23.65
CA GLU A 283 -14.01 -2.92 -23.46
C GLU A 283 -13.87 -4.44 -23.33
N MET A 284 -12.88 -5.02 -24.03
CA MET A 284 -12.50 -6.44 -23.85
C MET A 284 -11.81 -6.64 -22.50
N ALA A 285 -10.88 -5.76 -22.19
CA ALA A 285 -10.19 -5.77 -20.93
C ALA A 285 -11.15 -5.69 -19.73
N LEU A 286 -12.20 -4.88 -19.88
CA LEU A 286 -13.22 -4.72 -18.84
C LEU A 286 -13.96 -6.01 -18.53
N LYS A 287 -14.20 -6.82 -19.54
CA LYS A 287 -14.96 -8.07 -19.38
C LYS A 287 -14.27 -9.12 -18.53
N LYS A 288 -12.94 -9.20 -18.61
CA LYS A 288 -12.16 -10.18 -17.82
C LYS A 288 -12.58 -10.24 -16.35
N VAL A 289 -12.35 -9.17 -15.59
CA VAL A 289 -12.71 -9.19 -14.16
C VAL A 289 -13.94 -8.35 -13.88
N SER A 290 -14.84 -8.93 -13.10
CA SER A 290 -16.06 -8.27 -12.67
C SER A 290 -15.81 -7.66 -11.29
N LYS A 291 -16.60 -6.63 -10.97
CA LYS A 291 -16.44 -5.84 -9.73
C LYS A 291 -16.32 -6.75 -8.54
N SER A 292 -15.36 -6.48 -7.65
CA SER A 292 -15.09 -7.34 -6.51
C SER A 292 -15.80 -6.92 -5.22
N VAL A 293 -15.85 -5.61 -4.97
CA VAL A 293 -16.32 -5.08 -3.69
C VAL A 293 -17.73 -4.55 -3.87
N SER A 294 -18.65 -5.15 -3.12
CA SER A 294 -20.06 -4.83 -3.15
C SER A 294 -20.31 -3.53 -2.41
N ALA A 295 -21.42 -2.87 -2.72
CA ALA A 295 -21.85 -1.70 -1.94
C ALA A 295 -22.13 -2.12 -0.49
N ALA A 296 -22.56 -3.37 -0.30
CA ALA A 296 -22.70 -3.98 1.03
C ALA A 296 -21.37 -4.05 1.80
N ASP A 297 -20.27 -4.33 1.09
CA ASP A 297 -18.95 -4.25 1.71
C ASP A 297 -18.62 -2.81 2.11
N ILE A 298 -18.89 -1.87 1.20
CA ILE A 298 -18.57 -0.46 1.47
C ILE A 298 -19.36 0.07 2.68
N GLU A 299 -20.63 -0.36 2.81
CA GLU A 299 -21.43 -0.07 4.02
C GLU A 299 -20.62 -0.20 5.30
N ARG A 300 -19.91 -1.32 5.42
CA ARG A 300 -19.11 -1.64 6.60
C ARG A 300 -17.96 -0.63 6.84
N TYR A 301 -17.30 -0.21 5.75
CA TYR A 301 -16.22 0.77 5.82
C TYR A 301 -16.75 2.13 6.24
N GLU A 302 -17.85 2.52 5.59
CA GLU A 302 -18.56 3.76 5.89
C GLU A 302 -18.89 3.84 7.38
N LYS A 303 -19.46 2.74 7.91
CA LYS A 303 -19.78 2.61 9.34
C LYS A 303 -18.58 2.67 10.29
N TRP A 304 -17.48 2.03 9.92
CA TRP A 304 -16.31 1.91 10.82
C TRP A 304 -15.65 3.26 11.09
N ILE A 305 -15.24 3.95 10.03
CA ILE A 305 -14.80 5.36 10.15
C ILE A 305 -15.81 6.36 10.74
N PHE A 306 -17.10 6.02 10.75
CA PHE A 306 -18.14 6.85 11.40
C PHE A 306 -17.70 7.10 12.85
N GLU A 307 -17.55 6.02 13.60
CA GLU A 307 -17.29 6.14 15.03
C GLU A 307 -15.80 6.11 15.37
N PHE A 308 -15.00 5.38 14.59
CA PHE A 308 -13.56 5.21 14.91
C PHE A 308 -12.57 6.29 14.38
N GLY A 309 -12.94 7.04 13.35
CA GLY A 309 -12.29 8.32 13.02
C GLY A 309 -12.86 9.38 13.96
#